data_5ZUQ
#
_entry.id   5ZUQ
#
_cell.length_a   72.590
_cell.length_b   101.635
_cell.length_c   82.595
_cell.angle_alpha   90.00
_cell.angle_beta   90.00
_cell.angle_gamma   90.00
#
_symmetry.space_group_name_H-M   'C 2 2 21'
#
loop_
_entity.id
_entity.type
_entity.pdbx_description
1 polymer VP1
2 water water
#
_entity_poly.entity_id   1
_entity_poly.type   'polypeptide(L)'
_entity_poly.pdbx_seq_one_letter_code
;SKTKPFSLPILTISELTNSRFPAPIDSLYTAQNNNLNVQCQNGRCTLDGELQGTTQLLPSGICAFRGKLTADVHQSHDDR
WHMQLTNLNGTPFDPTEDVPAPLGTPDFTGLLFGVASQRNVVSNPNTTRAHEAVISTTSSQFVPKLGSINFGSTSDDFQL
QQPTKFTPVGIKVESGHDFDQWAPPRYSGHLTLNMNLAPPVAPNFPGEQLLFFRSNVPCAGGVSDGVIDCLLPQEWIQHF
YQESAPSQSDVALIRYVNPDTGRTLFEAKLHRTGYITVAHSGDYPLVVPSNGYFRFDSWVNQFYSLAPM
;
_entity_poly.pdbx_strand_id   A
#
# COMPACT_ATOMS: atom_id res chain seq x y z
N THR A 3 7.58 -29.85 -5.83
CA THR A 3 7.60 -30.37 -4.44
C THR A 3 7.59 -29.23 -3.42
N LYS A 4 8.45 -28.22 -3.62
CA LYS A 4 8.71 -27.19 -2.59
C LYS A 4 7.41 -26.60 -1.99
N PRO A 5 7.20 -26.80 -0.69
CA PRO A 5 5.90 -26.45 -0.12
C PRO A 5 5.72 -24.95 0.09
N PHE A 6 4.55 -24.48 -0.32
CA PHE A 6 4.12 -23.13 -0.04
C PHE A 6 3.90 -22.98 1.46
N SER A 7 4.11 -21.78 1.99
CA SER A 7 3.85 -21.51 3.41
C SER A 7 3.62 -20.03 3.65
N LEU A 8 3.12 -19.72 4.85
CA LEU A 8 2.94 -18.37 5.34
C LEU A 8 3.91 -18.18 6.51
N PRO A 9 4.37 -16.95 6.75
CA PRO A 9 5.17 -16.70 7.94
C PRO A 9 4.26 -16.83 9.15
N ILE A 10 4.82 -17.24 10.28
CA ILE A 10 4.05 -17.36 11.54
C ILE A 10 4.06 -16.00 12.27
N LEU A 11 2.98 -15.23 12.12
CA LEU A 11 2.91 -13.86 12.66
C LEU A 11 1.50 -13.52 13.05
N THR A 12 1.36 -13.03 14.28
CA THR A 12 0.07 -12.59 14.79
C THR A 12 -0.25 -11.23 14.20
N ILE A 13 -1.47 -10.80 14.42
CA ILE A 13 -1.97 -9.54 13.88
C ILE A 13 -1.05 -8.40 14.26
N SER A 14 -0.63 -8.39 15.52
CA SER A 14 0.14 -7.30 16.06
C SER A 14 1.60 -7.37 15.63
N GLU A 15 1.98 -8.43 14.94
CA GLU A 15 3.29 -8.56 14.31
C GLU A 15 3.24 -8.36 12.79
N LEU A 16 2.11 -7.87 12.26
CA LEU A 16 1.99 -7.60 10.83
C LEU A 16 1.97 -6.10 10.49
N THR A 17 2.49 -5.76 9.31
CA THR A 17 2.53 -4.40 8.79
C THR A 17 1.64 -4.27 7.56
N ASN A 18 0.95 -3.14 7.44
CA ASN A 18 0.13 -2.83 6.27
C ASN A 18 1.05 -2.63 5.09
N SER A 19 0.65 -3.19 3.95
CA SER A 19 1.47 -3.13 2.74
C SER A 19 1.17 -1.90 1.91
N ARG A 20 0.21 -1.09 2.34
CA ARG A 20 -0.20 0.12 1.63
C ARG A 20 0.09 1.40 2.41
N PHE A 21 0.55 1.26 3.65
CA PHE A 21 0.95 2.40 4.46
C PHE A 21 1.80 1.88 5.62
N PRO A 22 2.84 2.63 6.02
CA PRO A 22 3.69 2.15 7.12
C PRO A 22 2.98 2.23 8.46
N ALA A 23 2.27 1.16 8.80
CA ALA A 23 1.48 1.10 10.04
C ALA A 23 1.26 -0.35 10.41
N PRO A 24 1.15 -0.66 11.70
CA PRO A 24 0.73 -1.98 12.16
C PRO A 24 -0.67 -2.28 11.65
N ILE A 25 -0.96 -3.56 11.46
CA ILE A 25 -2.30 -4.01 11.17
C ILE A 25 -3.07 -3.97 12.47
N ASP A 26 -4.28 -3.42 12.43
CA ASP A 26 -5.12 -3.30 13.60
C ASP A 26 -6.18 -4.39 13.68
N SER A 27 -6.72 -4.82 12.54
CA SER A 27 -7.81 -5.77 12.55
C SER A 27 -7.96 -6.43 11.18
N LEU A 28 -8.84 -7.44 11.13
CA LEU A 28 -9.22 -8.09 9.88
C LEU A 28 -10.64 -7.72 9.61
N TYR A 29 -10.96 -7.51 8.34
CA TYR A 29 -12.27 -7.00 7.97
C TYR A 29 -12.74 -7.56 6.65
N THR A 30 -13.99 -7.98 6.59
CA THR A 30 -14.60 -8.38 5.33
C THR A 30 -15.74 -7.45 4.98
N ALA A 31 -15.79 -7.08 3.70
CA ALA A 31 -16.70 -6.08 3.22
C ALA A 31 -17.74 -6.69 2.29
N GLN A 32 -18.97 -6.19 2.41
CA GLN A 32 -20.03 -6.56 1.49
C GLN A 32 -19.64 -6.23 0.06
N ASN A 33 -20.05 -7.09 -0.87
CA ASN A 33 -19.81 -6.85 -2.28
C ASN A 33 -20.70 -5.71 -2.78
N ASN A 34 -20.06 -4.63 -3.21
CA ASN A 34 -20.75 -3.45 -3.74
C ASN A 34 -20.17 -3.09 -5.10
N ASN A 35 -19.72 -4.11 -5.83
CA ASN A 35 -18.98 -3.96 -7.08
C ASN A 35 -18.10 -2.70 -7.19
N LEU A 36 -17.37 -2.41 -6.11
CA LEU A 36 -16.36 -1.37 -6.12
C LEU A 36 -15.10 -1.93 -6.79
N ASN A 37 -14.34 -1.09 -7.46
CA ASN A 37 -13.12 -1.53 -8.12
C ASN A 37 -11.99 -1.58 -7.10
N VAL A 38 -11.64 -2.77 -6.63
CA VAL A 38 -10.52 -2.90 -5.70
C VAL A 38 -9.28 -3.10 -6.55
N GLN A 39 -8.46 -2.07 -6.68
CA GLN A 39 -7.29 -2.15 -7.55
C GLN A 39 -6.08 -1.40 -6.98
N CYS A 40 -5.75 -1.68 -5.72
CA CYS A 40 -4.58 -1.06 -5.12
C CYS A 40 -3.32 -1.53 -5.83
N GLN A 41 -2.29 -0.69 -5.77
CA GLN A 41 -1.07 -0.91 -6.51
C GLN A 41 0.12 -1.22 -5.60
N ASN A 42 0.05 -0.77 -4.34
CA ASN A 42 0.96 -1.25 -3.32
C ASN A 42 0.35 -2.48 -2.67
N GLY A 43 1.21 -3.31 -2.11
CA GLY A 43 0.77 -4.56 -1.48
C GLY A 43 0.23 -5.57 -2.46
N ARG A 44 0.85 -5.65 -3.64
CA ARG A 44 0.41 -6.57 -4.67
C ARG A 44 1.54 -7.54 -4.98
N CYS A 45 1.25 -8.83 -4.89
CA CYS A 45 2.27 -9.87 -5.05
C CYS A 45 1.58 -11.20 -5.29
N THR A 46 2.11 -12.00 -6.21
CA THR A 46 1.63 -13.37 -6.43
C THR A 46 2.17 -14.29 -5.38
N LEU A 47 1.51 -15.43 -5.23
CA LEU A 47 1.92 -16.39 -4.21
C LEU A 47 3.32 -16.96 -4.44
N ASP A 48 3.79 -16.97 -5.68
CA ASP A 48 5.18 -17.39 -5.95
C ASP A 48 6.25 -16.30 -5.91
N GLY A 49 5.88 -15.12 -5.42
CA GLY A 49 6.86 -14.08 -5.08
C GLY A 49 7.11 -13.00 -6.10
N GLU A 50 6.20 -12.82 -7.07
CA GLU A 50 6.33 -11.78 -8.08
C GLU A 50 5.62 -10.51 -7.62
N LEU A 51 6.39 -9.47 -7.32
CA LEU A 51 5.81 -8.17 -6.92
C LEU A 51 5.11 -7.53 -8.11
N GLN A 52 3.98 -6.87 -7.87
CA GLN A 52 3.24 -6.20 -8.94
C GLN A 52 2.93 -4.74 -8.60
N GLY A 53 2.37 -4.01 -9.54
CA GLY A 53 2.02 -2.61 -9.35
C GLY A 53 3.22 -1.79 -8.94
N THR A 54 3.06 -0.98 -7.90
CA THR A 54 4.14 -0.15 -7.39
C THR A 54 4.81 -0.79 -6.18
N THR A 55 4.62 -2.09 -6.00
CA THR A 55 5.04 -2.74 -4.76
C THR A 55 6.55 -2.93 -4.71
N GLN A 56 7.13 -2.62 -3.57
CA GLN A 56 8.54 -2.89 -3.32
C GLN A 56 8.67 -3.46 -1.90
N LEU A 57 9.87 -3.85 -1.50
CA LEU A 57 10.01 -4.71 -0.33
C LEU A 57 10.08 -3.98 1.02
N LEU A 58 10.53 -2.73 1.02
CA LEU A 58 10.73 -1.96 2.27
C LEU A 58 9.47 -1.34 2.81
N PRO A 59 9.15 -1.63 4.09
CA PRO A 59 8.07 -0.91 4.77
C PRO A 59 8.32 0.59 4.77
N SER A 60 9.58 0.97 4.94
CA SER A 60 10.04 2.37 4.85
C SER A 60 9.86 3.00 3.48
N GLY A 61 9.63 2.18 2.46
CA GLY A 61 9.49 2.68 1.10
C GLY A 61 8.06 2.98 0.75
N ILE A 62 7.11 2.45 1.53
CA ILE A 62 5.70 2.58 1.20
C ILE A 62 5.23 4.03 1.41
N CYS A 63 4.75 4.65 0.35
CA CYS A 63 4.32 6.06 0.35
C CYS A 63 5.45 7.07 0.59
N ALA A 64 6.69 6.68 0.29
CA ALA A 64 7.84 7.54 0.50
C ALA A 64 8.31 8.03 -0.84
N PHE A 65 8.98 9.19 -0.85
CA PHE A 65 9.65 9.68 -2.04
C PHE A 65 11.08 10.07 -1.72
N ARG A 66 11.89 10.09 -2.77
CA ARG A 66 13.26 10.53 -2.68
C ARG A 66 13.58 11.29 -3.95
N GLY A 67 14.48 12.26 -3.83
CA GLY A 67 14.93 13.05 -4.98
C GLY A 67 15.48 14.37 -4.54
N LYS A 68 15.06 15.45 -5.21
CA LYS A 68 15.53 16.79 -4.88
C LYS A 68 14.58 17.83 -5.42
N LEU A 69 14.62 19.03 -4.84
CA LEU A 69 13.74 20.11 -5.26
C LEU A 69 14.41 20.91 -6.36
N THR A 70 13.69 21.13 -7.46
CA THR A 70 14.22 21.86 -8.59
C THR A 70 13.53 23.21 -8.79
N ALA A 71 12.42 23.47 -8.11
CA ALA A 71 11.72 24.75 -8.26
C ALA A 71 10.83 25.06 -7.09
N ASP A 72 10.61 26.36 -6.90
CA ASP A 72 9.66 26.90 -5.93
C ASP A 72 8.62 27.68 -6.72
N VAL A 73 7.45 27.09 -6.93
CA VAL A 73 6.45 27.63 -7.84
C VAL A 73 5.25 28.22 -7.12
N HIS A 74 5.49 28.90 -6.00
CA HIS A 74 4.39 29.43 -5.18
C HIS A 74 3.47 30.37 -5.96
N GLN A 75 4.02 31.03 -6.98
CA GLN A 75 3.28 32.01 -7.78
C GLN A 75 2.16 31.35 -8.58
N SER A 76 2.36 30.12 -9.02
CA SER A 76 1.36 29.39 -9.82
C SER A 76 0.66 28.22 -9.11
N HIS A 77 1.19 27.75 -7.98
CA HIS A 77 0.59 26.60 -7.25
C HIS A 77 0.76 26.69 -5.75
N ASP A 78 -0.25 26.25 -5.01
CA ASP A 78 -0.19 26.21 -3.54
C ASP A 78 0.83 25.19 -3.02
N ASP A 79 0.85 24.01 -3.64
CA ASP A 79 1.94 23.05 -3.44
C ASP A 79 3.18 23.56 -4.19
N ARG A 80 3.93 24.40 -3.50
CA ARG A 80 4.98 25.20 -4.12
C ARG A 80 6.25 24.45 -4.45
N TRP A 81 6.53 23.35 -3.75
CA TRP A 81 7.84 22.70 -3.86
C TRP A 81 7.83 21.58 -4.90
N HIS A 82 8.60 21.76 -5.97
CA HIS A 82 8.65 20.81 -7.08
C HIS A 82 9.76 19.84 -6.85
N MET A 83 9.39 18.58 -6.62
CA MET A 83 10.34 17.53 -6.26
C MET A 83 10.57 16.62 -7.44
N GLN A 84 11.76 16.70 -8.01
CA GLN A 84 12.18 15.76 -9.04
C GLN A 84 12.57 14.44 -8.38
N LEU A 85 11.99 13.34 -8.84
CA LEU A 85 12.16 12.06 -8.17
C LEU A 85 13.31 11.20 -8.70
N THR A 86 13.90 10.44 -7.80
CA THR A 86 14.69 9.26 -8.14
C THR A 86 13.92 8.05 -7.64
N ASN A 87 14.45 6.87 -7.92
CA ASN A 87 13.99 5.68 -7.24
C ASN A 87 14.38 5.74 -5.75
N LEU A 88 13.66 5.03 -4.90
CA LEU A 88 13.90 5.11 -3.47
C LEU A 88 15.33 4.70 -3.09
N ASN A 89 15.94 3.84 -3.89
CA ASN A 89 17.32 3.46 -3.62
C ASN A 89 18.35 4.48 -4.14
N GLY A 90 17.88 5.53 -4.83
CA GLY A 90 18.76 6.59 -5.28
C GLY A 90 19.12 6.51 -6.75
N THR A 91 18.83 5.40 -7.41
CA THR A 91 19.08 5.29 -8.84
C THR A 91 18.11 6.21 -9.59
N PRO A 92 18.49 6.61 -10.82
CA PRO A 92 17.64 7.54 -11.55
C PRO A 92 16.32 6.89 -11.94
N PHE A 93 15.24 7.66 -11.89
CA PHE A 93 13.93 7.14 -12.26
C PHE A 93 13.82 7.06 -13.77
N ASP A 94 13.46 5.87 -14.26
CA ASP A 94 13.31 5.62 -15.67
C ASP A 94 11.82 5.56 -16.03
N PRO A 95 11.28 6.63 -16.63
CA PRO A 95 9.84 6.61 -16.93
C PRO A 95 9.38 5.57 -17.97
N THR A 96 10.33 4.90 -18.65
CA THR A 96 10.00 3.82 -19.59
C THR A 96 9.89 2.45 -18.93
N GLU A 97 10.27 2.34 -17.66
CA GLU A 97 10.05 1.10 -16.92
C GLU A 97 8.57 0.75 -16.95
N ASP A 98 8.25 -0.54 -17.06
CA ASP A 98 6.87 -0.98 -17.15
C ASP A 98 6.25 -1.12 -15.75
N VAL A 99 6.09 0.04 -15.11
CA VAL A 99 5.48 0.15 -13.80
C VAL A 99 4.54 1.34 -13.88
N PRO A 100 3.53 1.40 -13.01
CA PRO A 100 2.62 2.54 -13.14
C PRO A 100 3.22 3.85 -12.69
N ALA A 101 4.27 3.77 -11.87
CA ALA A 101 4.91 4.91 -11.22
C ALA A 101 6.14 4.37 -10.47
N PRO A 102 7.00 5.27 -9.96
CA PRO A 102 8.09 4.75 -9.12
C PRO A 102 7.53 3.88 -7.96
N LEU A 103 8.23 2.80 -7.67
CA LEU A 103 7.78 1.87 -6.65
C LEU A 103 7.69 2.60 -5.31
N GLY A 104 6.63 2.30 -4.55
CA GLY A 104 6.39 2.98 -3.29
C GLY A 104 5.39 4.13 -3.38
N THR A 105 5.12 4.62 -4.59
CA THR A 105 4.21 5.76 -4.79
C THR A 105 2.85 5.43 -4.17
N PRO A 106 2.18 6.39 -3.53
CA PRO A 106 0.88 6.09 -2.91
C PRO A 106 -0.14 5.69 -3.97
N ASP A 107 -1.11 4.87 -3.58
CA ASP A 107 -2.09 4.32 -4.51
C ASP A 107 -3.54 4.71 -4.16
N PHE A 108 -3.69 5.83 -3.47
CA PHE A 108 -5.00 6.34 -3.05
C PHE A 108 -5.15 7.81 -3.40
N THR A 109 -6.39 8.28 -3.31
CA THR A 109 -6.75 9.65 -3.62
C THR A 109 -6.98 10.43 -2.32
N GLY A 110 -6.22 11.49 -2.13
CA GLY A 110 -6.37 12.34 -0.96
C GLY A 110 -5.07 13.04 -0.61
N LEU A 111 -4.97 13.48 0.63
CA LEU A 111 -3.81 14.23 1.07
C LEU A 111 -2.93 13.36 1.92
N LEU A 112 -1.66 13.26 1.53
CA LEU A 112 -0.67 12.46 2.24
C LEU A 112 0.15 13.41 3.08
N PHE A 113 0.13 13.19 4.38
CA PHE A 113 0.80 14.05 5.34
C PHE A 113 2.09 13.39 5.79
N GLY A 114 3.17 14.15 5.86
CA GLY A 114 4.39 13.62 6.39
C GLY A 114 5.42 14.67 6.70
N VAL A 115 6.67 14.31 6.50
CA VAL A 115 7.77 15.24 6.73
C VAL A 115 8.73 15.19 5.56
N ALA A 116 9.04 16.37 5.02
CA ALA A 116 10.10 16.49 4.02
C ALA A 116 11.39 16.93 4.70
N SER A 117 12.48 16.24 4.41
CA SER A 117 13.78 16.53 5.05
C SER A 117 14.86 16.67 3.99
N GLN A 118 15.90 17.42 4.32
CA GLN A 118 17.04 17.62 3.43
C GLN A 118 18.34 17.52 4.19
N ARG A 119 19.38 17.05 3.50
CA ARG A 119 20.74 17.05 4.02
C ARG A 119 21.65 17.44 2.87
N ASN A 120 22.33 18.57 2.99
CA ASN A 120 23.23 19.07 1.98
C ASN A 120 24.51 18.27 1.84
N VAL A 121 24.98 18.13 0.61
CA VAL A 121 26.13 17.30 0.35
C VAL A 121 27.43 18.02 0.00
N VAL A 122 27.36 19.14 -0.72
CA VAL A 122 28.56 19.91 -0.97
C VAL A 122 28.46 21.28 -0.33
N SER A 123 27.63 22.12 -0.90
CA SER A 123 27.38 23.40 -0.32
C SER A 123 26.95 23.22 1.09
N ASN A 124 27.83 23.45 2.06
CA ASN A 124 27.38 23.42 3.44
C ASN A 124 27.10 21.98 3.81
N PRO A 125 28.17 21.13 3.53
CA PRO A 125 27.91 19.72 3.85
C PRO A 125 27.24 19.39 5.20
N ASN A 126 26.25 18.52 5.14
CA ASN A 126 25.65 18.00 6.34
C ASN A 126 24.81 19.00 7.13
N THR A 127 24.54 20.17 6.58
CA THR A 127 23.51 21.05 7.12
C THR A 127 22.17 20.40 6.77
N THR A 128 21.20 20.51 7.66
CA THR A 128 19.95 19.76 7.54
C THR A 128 18.73 20.60 7.90
N ARG A 129 17.57 20.17 7.40
CA ARG A 129 16.31 20.72 7.82
C ARG A 129 15.19 19.69 7.56
N ALA A 130 14.08 19.84 8.26
CA ALA A 130 12.94 18.97 8.03
C ALA A 130 11.71 19.66 8.56
N HIS A 131 10.61 19.55 7.85
CA HIS A 131 9.36 20.17 8.22
C HIS A 131 8.15 19.44 7.68
N GLU A 132 7.02 19.57 8.37
CA GLU A 132 5.78 18.97 7.97
C GLU A 132 5.49 19.36 6.54
N ALA A 133 5.04 18.42 5.76
CA ALA A 133 4.67 18.69 4.38
C ALA A 133 3.49 17.83 4.03
N VAL A 134 2.76 18.28 3.01
CA VAL A 134 1.55 17.64 2.55
C VAL A 134 1.65 17.47 1.03
N ILE A 135 1.38 16.25 0.56
CA ILE A 135 1.30 15.95 -0.87
C ILE A 135 -0.13 15.60 -1.25
N SER A 136 -0.69 16.34 -2.20
CA SER A 136 -2.01 16.01 -2.72
C SER A 136 -1.85 15.07 -3.91
N THR A 137 -2.40 13.86 -3.79
CA THR A 137 -2.30 12.89 -4.88
C THR A 137 -3.26 13.21 -6.00
N THR A 138 -4.09 14.22 -5.78
CA THR A 138 -5.05 14.65 -6.77
C THR A 138 -4.59 15.95 -7.47
N SER A 139 -3.51 16.55 -7.03
CA SER A 139 -3.01 17.79 -7.63
C SER A 139 -2.59 17.59 -9.10
N SER A 140 -2.64 18.67 -9.87
CA SER A 140 -2.20 18.65 -11.26
C SER A 140 -0.70 18.38 -11.34
N GLN A 141 0.01 18.67 -10.25
CA GLN A 141 1.46 18.47 -10.16
C GLN A 141 1.86 17.11 -9.56
N PHE A 142 0.89 16.27 -9.22
CA PHE A 142 1.19 14.90 -8.82
C PHE A 142 1.37 14.07 -10.10
N VAL A 143 2.60 14.02 -10.60
CA VAL A 143 2.89 13.28 -11.83
C VAL A 143 4.09 12.36 -11.65
N PRO A 144 4.01 11.47 -10.66
CA PRO A 144 5.18 10.64 -10.33
C PRO A 144 5.68 9.78 -11.51
N LYS A 145 4.77 9.35 -12.38
CA LYS A 145 5.15 8.59 -13.58
C LYS A 145 5.92 9.45 -14.58
N LEU A 146 5.74 10.77 -14.52
CA LEU A 146 6.53 11.68 -15.34
C LEU A 146 7.83 12.06 -14.67
N GLY A 147 7.92 11.82 -13.36
CA GLY A 147 9.17 11.98 -12.64
C GLY A 147 9.17 13.04 -11.56
N SER A 148 7.99 13.52 -11.17
CA SER A 148 7.93 14.57 -10.17
C SER A 148 6.60 14.65 -9.42
N ILE A 149 6.69 15.18 -8.19
CA ILE A 149 5.52 15.49 -7.40
C ILE A 149 5.80 16.83 -6.73
N ASN A 150 4.74 17.49 -6.28
CA ASN A 150 4.88 18.70 -5.51
C ASN A 150 4.37 18.49 -4.11
N PHE A 151 5.00 19.16 -3.14
CA PHE A 151 4.42 19.26 -1.82
C PHE A 151 4.30 20.72 -1.34
N GLY A 152 3.34 20.93 -0.45
CA GLY A 152 3.13 22.19 0.23
C GLY A 152 3.65 22.06 1.64
N SER A 153 3.91 23.18 2.24
CA SER A 153 4.43 23.27 3.58
C SER A 153 4.18 24.62 4.14
N THR A 154 3.87 24.66 5.42
CA THR A 154 3.83 25.91 6.11
C THR A 154 5.24 26.50 6.25
N SER A 155 6.29 25.70 6.40
CA SER A 155 7.63 26.25 6.50
C SER A 155 8.11 26.74 5.18
N ASP A 156 8.97 27.71 5.26
CA ASP A 156 9.60 28.31 4.14
C ASP A 156 10.98 27.77 3.93
N ASP A 157 11.46 27.04 4.94
CA ASP A 157 12.84 26.64 5.07
C ASP A 157 13.18 25.40 4.26
N PHE A 158 13.14 25.52 2.96
CA PHE A 158 13.60 24.46 2.06
C PHE A 158 14.57 25.00 1.01
N GLN A 159 15.54 24.19 0.57
CA GLN A 159 16.51 24.62 -0.44
C GLN A 159 16.37 23.83 -1.72
N LEU A 160 16.68 24.47 -2.85
CA LEU A 160 16.69 23.80 -4.15
C LEU A 160 18.00 23.09 -4.35
N GLN A 161 18.00 22.06 -5.19
CA GLN A 161 19.21 21.30 -5.53
C GLN A 161 19.92 20.66 -4.32
N GLN A 162 19.15 20.18 -3.36
CA GLN A 162 19.68 19.42 -2.23
C GLN A 162 18.90 18.12 -2.05
N PRO A 163 19.60 17.02 -1.72
CA PRO A 163 18.89 15.75 -1.55
C PRO A 163 17.74 15.86 -0.55
N THR A 164 16.57 15.45 -0.99
CA THR A 164 15.34 15.61 -0.24
C THR A 164 14.69 14.24 -0.07
N LYS A 165 14.07 14.02 1.09
CA LYS A 165 13.27 12.83 1.35
C LYS A 165 11.89 13.22 1.87
N PHE A 166 10.86 12.49 1.45
CA PHE A 166 9.55 12.61 2.07
C PHE A 166 9.24 11.36 2.89
N THR A 167 9.08 11.52 4.21
CA THR A 167 8.72 10.43 5.10
C THR A 167 7.23 10.53 5.38
N PRO A 168 6.46 9.51 5.00
CA PRO A 168 5.02 9.60 5.25
C PRO A 168 4.67 9.37 6.73
N VAL A 169 3.64 10.06 7.21
CA VAL A 169 3.18 9.86 8.58
C VAL A 169 1.70 9.51 8.65
N GLY A 170 0.90 10.09 7.78
CA GLY A 170 -0.53 9.88 7.85
C GLY A 170 -1.24 10.52 6.70
N ILE A 171 -2.56 10.68 6.87
CA ILE A 171 -3.39 11.34 5.90
C ILE A 171 -3.85 12.66 6.50
N LYS A 172 -4.58 13.43 5.72
CA LYS A 172 -5.16 14.70 6.17
C LYS A 172 -6.49 14.84 5.44
N VAL A 173 -7.52 15.25 6.17
CA VAL A 173 -8.83 15.46 5.59
C VAL A 173 -9.16 16.95 5.68
N GLU A 174 -9.58 17.52 4.57
CA GLU A 174 -10.13 18.87 4.58
C GLU A 174 -11.07 19.06 3.41
N SER A 175 -11.83 20.14 3.47
CA SER A 175 -12.86 20.43 2.49
C SER A 175 -12.30 20.38 1.09
N GLY A 176 -12.99 19.68 0.20
CA GLY A 176 -12.54 19.51 -1.16
C GLY A 176 -11.40 18.51 -1.33
N HIS A 177 -11.01 17.81 -0.27
CA HIS A 177 -10.00 16.75 -0.40
C HIS A 177 -10.41 15.53 0.41
N ASP A 178 -11.48 14.89 -0.04
CA ASP A 178 -11.99 13.69 0.62
C ASP A 178 -11.00 12.55 0.37
N PHE A 179 -10.84 11.67 1.36
CA PHE A 179 -9.93 10.53 1.26
C PHE A 179 -10.64 9.32 0.66
N ASP A 180 -10.15 8.84 -0.47
CA ASP A 180 -10.69 7.63 -1.08
C ASP A 180 -9.59 6.61 -1.29
N GLN A 181 -9.52 5.64 -0.39
CA GLN A 181 -8.48 4.62 -0.44
C GLN A 181 -8.55 3.74 -1.67
N TRP A 182 -9.71 3.71 -2.34
CA TRP A 182 -9.91 2.79 -3.44
C TRP A 182 -9.77 3.39 -4.84
N ALA A 183 -9.53 4.70 -4.93
CA ALA A 183 -9.30 5.34 -6.22
C ALA A 183 -7.81 5.63 -6.39
N PRO A 184 -7.12 4.88 -7.28
CA PRO A 184 -5.73 5.19 -7.53
C PRO A 184 -5.56 6.58 -8.12
N PRO A 185 -4.43 7.23 -7.83
CA PRO A 185 -4.29 8.54 -8.45
C PRO A 185 -3.95 8.39 -9.94
N ARG A 186 -4.00 9.51 -10.66
CA ARG A 186 -3.54 9.52 -12.04
C ARG A 186 -2.05 9.82 -12.02
N TYR A 187 -1.26 8.76 -12.20
CA TYR A 187 0.18 8.85 -11.99
C TYR A 187 0.86 9.74 -13.03
N SER A 188 0.23 9.93 -14.20
CA SER A 188 0.79 10.83 -15.22
C SER A 188 0.00 12.13 -15.36
N GLY A 189 -0.81 12.47 -14.36
CA GLY A 189 -1.53 13.73 -14.40
C GLY A 189 -2.89 13.64 -15.06
N HIS A 190 -3.59 14.77 -15.07
CA HIS A 190 -4.97 14.81 -15.54
C HIS A 190 -5.00 14.52 -17.03
N LEU A 191 -6.08 13.91 -17.46
CA LEU A 191 -6.33 13.51 -18.85
C LEU A 191 -5.45 12.38 -19.39
N THR A 192 -4.55 11.82 -18.57
CA THR A 192 -3.76 10.67 -18.98
C THR A 192 -4.15 9.44 -18.17
N LEU A 193 -4.35 8.32 -18.86
CA LEU A 193 -4.74 7.07 -18.20
C LEU A 193 -3.54 6.39 -17.59
N ASN A 194 -3.76 5.60 -16.55
CA ASN A 194 -2.69 4.82 -15.93
C ASN A 194 -2.33 3.58 -16.78
N MET A 195 -1.09 3.14 -16.68
CA MET A 195 -0.62 1.94 -17.39
C MET A 195 0.13 1.00 -16.46
N ASN A 196 0.29 -0.26 -16.90
CA ASN A 196 1.03 -1.28 -16.15
C ASN A 196 0.45 -1.55 -14.74
N LEU A 197 -0.86 -1.43 -14.59
CA LEU A 197 -1.49 -1.60 -13.29
C LEU A 197 -1.59 -3.06 -12.90
N ALA A 198 -1.35 -3.36 -11.64
CA ALA A 198 -1.78 -4.65 -11.11
C ALA A 198 -3.29 -4.69 -11.30
N PRO A 199 -3.82 -5.86 -11.70
CA PRO A 199 -5.24 -6.03 -12.04
C PRO A 199 -6.22 -5.81 -10.90
N PRO A 200 -7.47 -5.44 -11.21
CA PRO A 200 -8.51 -5.41 -10.16
C PRO A 200 -8.69 -6.78 -9.54
N VAL A 201 -9.11 -6.83 -8.28
CA VAL A 201 -9.44 -8.11 -7.64
C VAL A 201 -10.90 -8.12 -7.24
N ALA A 202 -11.53 -9.28 -7.33
CA ALA A 202 -12.93 -9.38 -6.95
C ALA A 202 -13.21 -10.81 -6.56
N PRO A 203 -14.18 -11.00 -5.67
CA PRO A 203 -14.61 -12.37 -5.44
C PRO A 203 -15.53 -12.76 -6.59
N ASN A 204 -15.31 -13.95 -7.13
CA ASN A 204 -16.12 -14.46 -8.21
C ASN A 204 -16.51 -15.89 -7.87
N PHE A 205 -16.94 -16.07 -6.62
CA PHE A 205 -17.51 -17.33 -6.17
C PHE A 205 -18.74 -16.98 -5.33
N PRO A 206 -19.89 -17.61 -5.61
CA PRO A 206 -21.11 -17.31 -4.84
C PRO A 206 -20.86 -17.30 -3.34
N GLY A 207 -21.33 -16.25 -2.66
CA GLY A 207 -21.29 -16.21 -1.21
C GLY A 207 -19.96 -15.77 -0.61
N GLU A 208 -19.01 -15.35 -1.45
CA GLU A 208 -17.70 -14.92 -0.95
C GLU A 208 -17.51 -13.41 -0.99
N GLN A 209 -16.60 -12.95 -0.14
CA GLN A 209 -16.25 -11.55 0.03
C GLN A 209 -14.74 -11.47 0.22
N LEU A 210 -14.18 -10.32 -0.09
CA LEU A 210 -12.80 -10.05 0.17
C LEU A 210 -12.57 -9.96 1.68
N LEU A 211 -11.37 -10.37 2.10
CA LEU A 211 -10.91 -10.17 3.46
C LEU A 211 -9.70 -9.28 3.39
N PHE A 212 -9.69 -8.23 4.22
CA PHE A 212 -8.63 -7.24 4.23
C PHE A 212 -7.92 -7.24 5.56
N PHE A 213 -6.66 -6.81 5.53
CA PHE A 213 -5.90 -6.49 6.70
C PHE A 213 -6.02 -4.96 6.83
N ARG A 214 -6.66 -4.52 7.91
CA ARG A 214 -7.04 -3.14 8.11
C ARG A 214 -6.13 -2.45 9.11
N SER A 215 -5.73 -1.22 8.78
CA SER A 215 -5.10 -0.33 9.73
C SER A 215 -5.91 0.97 9.84
N ASN A 216 -5.83 1.59 11.00
CA ASN A 216 -6.30 2.97 11.20
C ASN A 216 -5.08 3.85 11.36
N VAL A 217 -4.75 4.61 10.32
CA VAL A 217 -3.52 5.39 10.30
C VAL A 217 -3.75 6.80 10.84
N PRO A 218 -2.68 7.51 11.22
CA PRO A 218 -2.79 8.88 11.72
C PRO A 218 -3.39 9.84 10.71
N CYS A 219 -4.05 10.87 11.23
CA CYS A 219 -4.67 11.90 10.43
C CYS A 219 -4.38 13.26 11.06
N ALA A 220 -3.96 14.21 10.22
CA ALA A 220 -3.53 15.52 10.71
C ALA A 220 -4.66 16.54 10.70
N GLY A 221 -5.81 16.18 11.26
CA GLY A 221 -6.96 17.06 11.26
C GLY A 221 -8.05 16.54 10.34
N GLY A 222 -9.29 16.82 10.73
CA GLY A 222 -10.44 16.37 9.97
C GLY A 222 -11.05 15.19 10.69
N VAL A 223 -12.28 14.87 10.32
CA VAL A 223 -12.91 13.67 10.82
C VAL A 223 -12.55 12.55 9.85
N SER A 224 -11.87 11.52 10.34
CA SER A 224 -11.53 10.36 9.55
C SER A 224 -11.24 9.20 10.47
N ASP A 225 -11.68 8.00 10.09
CA ASP A 225 -11.26 6.79 10.79
C ASP A 225 -9.86 6.32 10.36
N GLY A 226 -9.27 6.96 9.35
CA GLY A 226 -7.92 6.63 8.91
C GLY A 226 -7.76 5.22 8.32
N VAL A 227 -8.84 4.68 7.76
CA VAL A 227 -8.86 3.28 7.32
C VAL A 227 -8.09 3.07 6.02
N ILE A 228 -7.12 2.17 6.07
CA ILE A 228 -6.41 1.73 4.89
C ILE A 228 -6.35 0.22 4.97
N ASP A 229 -6.97 -0.43 3.99
CA ASP A 229 -7.09 -1.86 3.92
C ASP A 229 -6.14 -2.40 2.87
N CYS A 230 -5.40 -3.45 3.22
CA CYS A 230 -4.53 -4.06 2.25
C CYS A 230 -4.89 -5.53 2.05
N LEU A 231 -4.49 -6.04 0.92
CA LEU A 231 -4.82 -7.37 0.53
C LEU A 231 -3.91 -8.38 1.14
N LEU A 232 -2.67 -8.01 1.30
CA LEU A 232 -1.68 -8.86 1.90
C LEU A 232 -0.77 -8.08 2.78
N PRO A 233 -0.42 -8.72 3.98
CA PRO A 233 0.55 -7.98 4.78
C PRO A 233 1.90 -7.90 4.09
N GLN A 234 2.67 -6.88 4.42
CA GLN A 234 3.99 -6.73 3.87
C GLN A 234 4.89 -7.89 4.20
N GLU A 235 4.79 -8.39 5.40
CA GLU A 235 5.51 -9.59 5.79
C GLU A 235 5.21 -10.83 4.93
N TRP A 236 3.98 -10.97 4.46
CA TRP A 236 3.62 -12.09 3.58
C TRP A 236 4.27 -11.90 2.23
N ILE A 237 4.26 -10.66 1.76
CA ILE A 237 4.89 -10.33 0.50
C ILE A 237 6.39 -10.60 0.57
N GLN A 238 7.03 -10.20 1.66
CA GLN A 238 8.46 -10.41 1.83
C GLN A 238 8.78 -11.92 1.86
N HIS A 239 7.91 -12.70 2.52
CA HIS A 239 8.05 -14.16 2.61
C HIS A 239 7.90 -14.82 1.25
N PHE A 240 6.88 -14.44 0.48
CA PHE A 240 6.69 -15.03 -0.85
C PHE A 240 7.86 -14.74 -1.77
N TYR A 241 8.34 -13.50 -1.74
CA TYR A 241 9.51 -13.11 -2.52
C TYR A 241 10.72 -13.98 -2.20
N GLN A 242 10.95 -14.30 -0.93
CA GLN A 242 12.08 -15.17 -0.54
C GLN A 242 11.89 -16.62 -0.95
N GLU A 243 10.71 -17.15 -0.66
CA GLU A 243 10.44 -18.58 -0.82
C GLU A 243 10.25 -18.98 -2.27
N SER A 244 9.55 -18.16 -3.06
CA SER A 244 9.28 -18.47 -4.45
C SER A 244 8.75 -19.90 -4.62
N ALA A 245 7.77 -20.26 -3.79
CA ALA A 245 7.18 -21.58 -3.84
C ALA A 245 6.15 -21.59 -4.96
N PRO A 246 6.19 -22.63 -5.83
CA PRO A 246 5.29 -22.63 -6.98
C PRO A 246 3.82 -22.72 -6.54
N SER A 247 2.97 -22.01 -7.22
CA SER A 247 1.54 -22.09 -7.00
C SER A 247 1.00 -23.25 -7.80
N GLN A 248 0.54 -24.29 -7.10
CA GLN A 248 0.12 -25.52 -7.76
C GLN A 248 -1.29 -25.45 -8.36
N SER A 249 -2.11 -24.52 -7.89
CA SER A 249 -3.41 -24.27 -8.48
C SER A 249 -3.64 -22.78 -8.33
N ASP A 250 -4.84 -22.31 -8.65
CA ASP A 250 -5.13 -20.89 -8.50
C ASP A 250 -5.55 -20.49 -7.09
N VAL A 251 -5.77 -21.46 -6.19
CA VAL A 251 -6.24 -21.13 -4.83
C VAL A 251 -5.64 -22.01 -3.73
N ALA A 252 -5.06 -21.36 -2.73
CA ALA A 252 -4.55 -22.04 -1.55
C ALA A 252 -5.58 -21.89 -0.44
N LEU A 253 -5.99 -23.00 0.13
CA LEU A 253 -6.86 -22.98 1.30
C LEU A 253 -5.99 -22.70 2.53
N ILE A 254 -6.37 -21.69 3.29
CA ILE A 254 -5.65 -21.33 4.51
C ILE A 254 -6.65 -21.39 5.67
N ARG A 255 -6.14 -21.67 6.87
CA ARG A 255 -6.97 -21.82 8.06
C ARG A 255 -6.41 -20.89 9.12
N TYR A 256 -7.29 -20.22 9.84
CA TYR A 256 -6.84 -19.36 10.92
C TYR A 256 -6.84 -20.20 12.18
N VAL A 257 -5.70 -20.29 12.84
CA VAL A 257 -5.53 -21.20 13.97
C VAL A 257 -5.14 -20.47 15.25
N ASN A 258 -5.65 -20.97 16.36
CA ASN A 258 -5.25 -20.50 17.68
C ASN A 258 -4.22 -21.51 18.15
N PRO A 259 -2.92 -21.13 18.19
CA PRO A 259 -1.90 -22.12 18.54
C PRO A 259 -2.01 -22.69 19.95
N ASP A 260 -2.50 -21.89 20.90
CA ASP A 260 -2.57 -22.32 22.29
C ASP A 260 -3.60 -23.45 22.48
N THR A 261 -4.80 -23.26 21.92
CA THR A 261 -5.84 -24.29 21.98
C THR A 261 -5.68 -25.33 20.87
N GLY A 262 -4.95 -24.99 19.81
CA GLY A 262 -4.74 -25.89 18.68
C GLY A 262 -5.86 -25.93 17.65
N ARG A 263 -6.94 -25.20 17.87
CA ARG A 263 -8.12 -25.34 16.99
C ARG A 263 -8.14 -24.33 15.82
N THR A 264 -8.82 -24.73 14.75
CA THR A 264 -9.01 -23.90 13.58
C THR A 264 -10.28 -23.10 13.77
N LEU A 265 -10.19 -21.77 13.60
CA LEU A 265 -11.31 -20.85 13.84
C LEU A 265 -12.18 -20.57 12.61
N PHE A 266 -11.55 -20.49 11.44
CA PHE A 266 -12.25 -20.35 10.18
C PHE A 266 -11.29 -20.63 9.03
N GLU A 267 -11.82 -20.75 7.82
CA GLU A 267 -10.97 -20.99 6.65
C GLU A 267 -11.23 -19.96 5.57
N ALA A 268 -10.24 -19.78 4.70
CA ALA A 268 -10.29 -18.77 3.69
C ALA A 268 -9.53 -19.23 2.47
N LYS A 269 -9.81 -18.57 1.34
CA LYS A 269 -9.15 -18.85 0.08
C LYS A 269 -8.11 -17.78 -0.20
N LEU A 270 -6.87 -18.19 -0.36
CA LEU A 270 -5.81 -17.30 -0.72
C LEU A 270 -5.49 -17.54 -2.18
N HIS A 271 -5.80 -16.55 -2.99
CA HIS A 271 -5.75 -16.65 -4.45
C HIS A 271 -4.34 -16.41 -4.97
N ARG A 272 -4.00 -17.10 -6.07
CA ARG A 272 -2.65 -17.06 -6.65
C ARG A 272 -2.13 -15.65 -6.92
N THR A 273 -3.02 -14.74 -7.31
CA THR A 273 -2.62 -13.36 -7.62
C THR A 273 -2.55 -12.44 -6.38
N GLY A 274 -2.75 -12.99 -5.18
CA GLY A 274 -2.39 -12.30 -3.93
C GLY A 274 -3.54 -11.57 -3.28
N TYR A 275 -4.60 -12.31 -2.98
CA TYR A 275 -5.70 -11.79 -2.18
C TYR A 275 -6.50 -12.91 -1.56
N ILE A 276 -7.35 -12.54 -0.61
CA ILE A 276 -8.09 -13.48 0.19
C ILE A 276 -9.59 -13.26 0.11
N THR A 277 -10.33 -14.36 0.00
CA THR A 277 -11.79 -14.35 0.17
C THR A 277 -12.24 -15.27 1.32
N VAL A 278 -13.39 -14.93 1.88
CA VAL A 278 -14.05 -15.72 2.92
C VAL A 278 -15.53 -15.89 2.55
N ALA A 279 -16.16 -16.91 3.10
CA ALA A 279 -17.59 -17.12 2.90
C ALA A 279 -18.34 -16.41 4.02
N HIS A 280 -18.91 -15.26 3.67
CA HIS A 280 -19.61 -14.41 4.62
C HIS A 280 -20.44 -13.41 3.84
N SER A 281 -21.54 -12.96 4.45
CA SER A 281 -22.40 -11.96 3.85
C SER A 281 -22.58 -10.80 4.81
N GLY A 282 -22.03 -9.64 4.45
CA GLY A 282 -22.14 -8.43 5.28
C GLY A 282 -20.79 -7.86 5.66
N ASP A 283 -20.79 -6.56 6.01
CA ASP A 283 -19.62 -5.89 6.55
C ASP A 283 -19.39 -6.41 7.94
N TYR A 284 -18.16 -6.78 8.27
CA TYR A 284 -17.91 -7.48 9.53
C TYR A 284 -16.44 -7.40 9.94
N PRO A 285 -16.17 -6.78 11.11
CA PRO A 285 -14.84 -6.83 11.72
C PRO A 285 -14.67 -8.16 12.46
N LEU A 286 -13.66 -8.94 12.08
CA LEU A 286 -13.55 -10.31 12.59
C LEU A 286 -13.26 -10.41 14.09
N VAL A 287 -13.98 -11.30 14.79
CA VAL A 287 -13.69 -11.64 16.18
C VAL A 287 -12.70 -12.79 16.23
N VAL A 288 -11.42 -12.48 16.48
CA VAL A 288 -10.38 -13.52 16.58
C VAL A 288 -9.39 -13.28 17.72
N PRO A 289 -8.77 -14.36 18.26
CA PRO A 289 -7.80 -14.23 19.35
C PRO A 289 -6.50 -13.55 18.94
N SER A 290 -5.87 -12.91 19.94
CA SER A 290 -4.65 -12.13 19.76
C SER A 290 -3.48 -12.96 19.26
N ASN A 291 -3.48 -14.23 19.61
CA ASN A 291 -2.37 -15.12 19.32
C ASN A 291 -2.55 -15.88 18.01
N GLY A 292 -3.65 -15.65 17.32
CA GLY A 292 -4.01 -16.45 16.15
C GLY A 292 -3.31 -16.02 14.88
N TYR A 293 -3.19 -16.93 13.93
CA TYR A 293 -2.59 -16.62 12.65
C TYR A 293 -3.04 -17.63 11.60
N PHE A 294 -2.90 -17.26 10.34
CA PHE A 294 -3.23 -18.13 9.24
C PHE A 294 -2.14 -19.18 9.03
N ARG A 295 -2.56 -20.36 8.63
CA ARG A 295 -1.65 -21.42 8.23
C ARG A 295 -2.08 -21.97 6.89
N PHE A 296 -1.12 -22.27 6.00
CA PHE A 296 -1.43 -22.93 4.72
C PHE A 296 -1.97 -24.32 5.00
N ASP A 297 -3.10 -24.67 4.39
CA ASP A 297 -3.62 -26.02 4.52
C ASP A 297 -3.34 -26.87 3.29
N SER A 298 -3.82 -26.44 2.14
CA SER A 298 -3.75 -27.25 0.93
C SER A 298 -4.09 -26.43 -0.31
N TRP A 299 -3.65 -26.91 -1.48
CA TRP A 299 -4.09 -26.32 -2.73
C TRP A 299 -5.46 -26.91 -3.05
N VAL A 300 -6.36 -26.07 -3.54
CA VAL A 300 -7.72 -26.51 -3.87
C VAL A 300 -8.07 -26.15 -5.31
N ASN A 301 -9.15 -26.74 -5.81
CA ASN A 301 -9.58 -26.55 -7.20
C ASN A 301 -10.75 -25.55 -7.27
N GLN A 302 -11.26 -25.32 -8.48
CA GLN A 302 -12.28 -24.30 -8.71
C GLN A 302 -13.66 -24.68 -8.16
N PHE A 303 -13.86 -25.96 -7.80
CA PHE A 303 -15.13 -26.42 -7.23
C PHE A 303 -15.21 -26.26 -5.70
N TYR A 304 -14.10 -26.01 -5.03
CA TYR A 304 -14.09 -26.05 -3.56
C TYR A 304 -14.90 -24.90 -2.93
N SER A 305 -15.80 -25.25 -2.02
CA SER A 305 -16.61 -24.27 -1.29
C SER A 305 -16.12 -24.12 0.14
N LEU A 306 -16.01 -22.88 0.60
CA LEU A 306 -15.54 -22.60 1.96
C LEU A 306 -16.65 -22.86 2.97
N ALA A 307 -16.25 -23.27 4.17
CA ALA A 307 -17.18 -23.29 5.30
C ALA A 307 -17.54 -21.85 5.64
N PRO A 308 -18.80 -21.60 6.00
CA PRO A 308 -19.22 -20.25 6.33
C PRO A 308 -18.43 -19.70 7.50
N MET A 309 -17.95 -18.48 7.34
CA MET A 309 -17.17 -17.82 8.37
C MET A 309 -18.09 -16.86 9.14
#